data_4DY5
#
_entry.id   4DY5
#
_cell.length_a   45.338
_cell.length_b   89.199
_cell.length_c   97.637
_cell.angle_alpha   90.00
_cell.angle_beta   90.00
_cell.angle_gamma   90.00
#
_symmetry.space_group_name_H-M   'P 21 21 21'
#
loop_
_entity.id
_entity.type
_entity.pdbx_description
1 polymer 'Gifsy-1 prophage protein'
2 non-polymer 'CHLORIDE ION'
3 non-polymer GLYCEROL
4 water water
#
_entity_poly.entity_id   1
_entity_poly.type   'polypeptide(L)'
_entity_poly.pdbx_seq_one_letter_code
;TGKNVNVEFDKGQNSARYSGVIKGYDYDTYNFQARKGQKVHVSISNEGADTYLFGPGISDSVDLSRYSSELDGNGQYTLP
ASGKYELKVLQTRNEARKNKAKKYSVNIQIK
;
_entity_poly.pdbx_strand_id   A,B,C
#
# COMPACT_ATOMS: atom_id res chain seq x y z
N THR A 1 0.78 -3.74 -17.28
CA THR A 1 0.66 -2.50 -16.52
C THR A 1 -0.15 -2.72 -15.24
N GLY A 2 0.22 -1.98 -14.19
CA GLY A 2 -0.33 -2.20 -12.88
C GLY A 2 0.72 -2.71 -11.92
N LYS A 3 0.27 -3.25 -10.80
CA LYS A 3 1.16 -3.71 -9.73
C LYS A 3 2.15 -4.78 -10.18
N ASN A 4 3.41 -4.59 -9.79
CA ASN A 4 4.45 -5.59 -9.98
C ASN A 4 5.13 -5.88 -8.65
N VAL A 5 5.30 -7.16 -8.34
CA VAL A 5 5.95 -7.57 -7.11
C VAL A 5 7.01 -8.58 -7.49
N ASN A 6 8.27 -8.20 -7.34
CA ASN A 6 9.36 -9.16 -7.49
C ASN A 6 9.28 -10.16 -6.35
N VAL A 7 9.03 -11.43 -6.68
CA VAL A 7 8.92 -12.46 -5.65
C VAL A 7 10.30 -12.73 -5.05
N GLU A 8 10.46 -12.35 -3.79
CA GLU A 8 11.68 -12.64 -3.04
C GLU A 8 11.31 -13.62 -1.94
N PHE A 9 11.94 -14.79 -1.95
CA PHE A 9 11.81 -15.67 -0.80
C PHE A 9 12.87 -15.24 0.19
N ASP A 10 12.66 -15.53 1.47
CA ASP A 10 13.71 -15.28 2.44
C ASP A 10 14.17 -16.59 3.08
N LYS A 11 15.35 -16.56 3.69
CA LYS A 11 15.80 -17.62 4.60
C LYS A 11 15.81 -19.03 4.00
N GLY A 12 15.12 -19.95 4.66
CA GLY A 12 15.04 -21.33 4.21
C GLY A 12 13.63 -21.71 3.83
N GLN A 13 12.94 -20.79 3.14
CA GLN A 13 11.58 -21.05 2.69
C GLN A 13 11.53 -21.20 1.18
N ASN A 14 10.52 -21.91 0.71
CA ASN A 14 10.35 -22.16 -0.72
C ASN A 14 9.01 -21.63 -1.21
N SER A 15 8.45 -20.71 -0.44
CA SER A 15 7.15 -20.13 -0.74
C SER A 15 7.01 -18.75 -0.10
N ALA A 16 6.15 -17.92 -0.68
CA ALA A 16 5.80 -16.65 -0.08
C ALA A 16 4.34 -16.37 -0.38
N ARG A 17 3.68 -15.70 0.56
CA ARG A 17 2.26 -15.37 0.42
C ARG A 17 2.12 -13.87 0.21
N TYR A 18 1.25 -13.49 -0.71
CA TYR A 18 1.01 -12.09 -1.02
C TYR A 18 -0.48 -11.78 -1.03
N SER A 19 -0.83 -10.51 -0.82
CA SER A 19 -2.22 -10.09 -0.85
C SER A 19 -2.40 -8.92 -1.82
N GLY A 20 -3.61 -8.78 -2.36
CA GLY A 20 -3.88 -7.68 -3.26
C GLY A 20 -5.35 -7.36 -3.30
N VAL A 21 -5.69 -6.27 -3.99
CA VAL A 21 -7.06 -5.91 -4.29
C VAL A 21 -7.07 -5.54 -5.76
N ILE A 22 -7.92 -6.19 -6.54
CA ILE A 22 -8.02 -5.84 -7.95
C ILE A 22 -9.45 -5.53 -8.33
N LYS A 23 -9.63 -4.52 -9.16
CA LYS A 23 -10.96 -4.11 -9.53
C LYS A 23 -11.17 -4.37 -11.02
N GLY A 24 -12.33 -4.93 -11.37
CA GLY A 24 -12.70 -5.12 -12.77
C GLY A 24 -11.67 -5.92 -13.54
N TYR A 25 -11.13 -5.32 -14.60
CA TYR A 25 -10.17 -5.99 -15.49
C TYR A 25 -8.71 -5.73 -15.12
N ASP A 26 -8.46 -5.05 -14.00
CA ASP A 26 -7.07 -4.82 -13.58
C ASP A 26 -6.45 -6.13 -13.14
N TYR A 27 -5.14 -6.24 -13.26
CA TYR A 27 -4.46 -7.43 -12.80
C TYR A 27 -3.15 -7.09 -12.09
N ASP A 28 -2.70 -8.00 -11.23
CA ASP A 28 -1.45 -7.83 -10.50
C ASP A 28 -0.47 -8.86 -11.01
N THR A 29 0.81 -8.47 -11.08
CA THR A 29 1.84 -9.34 -11.62
C THR A 29 2.91 -9.64 -10.59
N TYR A 30 3.26 -10.91 -10.49
CA TYR A 30 4.28 -11.39 -9.56
C TYR A 30 5.38 -12.07 -10.35
N ASN A 31 6.55 -11.45 -10.30
CA ASN A 31 7.70 -11.87 -11.10
C ASN A 31 8.63 -12.74 -10.30
N PHE A 32 9.17 -13.77 -10.93
CA PHE A 32 10.17 -14.60 -10.27
C PHE A 32 11.13 -15.26 -11.26
N GLN A 33 12.34 -15.52 -10.77
CA GLN A 33 13.35 -16.22 -11.53
C GLN A 33 13.33 -17.67 -11.08
N ALA A 34 13.52 -18.59 -12.03
CA ALA A 34 13.52 -20.01 -11.69
C ALA A 34 14.39 -20.79 -12.65
N ARG A 35 14.69 -22.02 -12.27
CA ARG A 35 15.56 -22.90 -13.03
C ARG A 35 14.68 -23.95 -13.69
N LYS A 36 15.00 -24.34 -14.92
CA LYS A 36 14.20 -25.36 -15.61
C LYS A 36 14.10 -26.63 -14.75
N GLY A 37 12.90 -27.18 -14.65
CA GLY A 37 12.72 -28.41 -13.89
C GLY A 37 12.20 -28.17 -12.48
N GLN A 38 12.30 -26.93 -12.00
CA GLN A 38 11.70 -26.60 -10.73
C GLN A 38 10.20 -26.67 -10.89
N LYS A 39 9.49 -26.89 -9.78
CA LYS A 39 8.05 -26.99 -9.82
CA LYS A 39 8.05 -26.99 -9.82
C LYS A 39 7.40 -25.82 -9.08
N VAL A 40 6.38 -25.26 -9.70
CA VAL A 40 5.64 -24.16 -9.11
C VAL A 40 4.24 -24.63 -8.71
N HIS A 41 3.76 -24.12 -7.59
CA HIS A 41 2.41 -24.37 -7.13
C HIS A 41 1.86 -23.04 -6.64
N VAL A 42 0.69 -22.64 -7.15
CA VAL A 42 0.08 -21.39 -6.71
C VAL A 42 -1.33 -21.65 -6.20
N SER A 43 -1.62 -21.17 -4.99
CA SER A 43 -2.97 -21.26 -4.47
C SER A 43 -3.53 -19.86 -4.31
N ILE A 44 -4.85 -19.73 -4.36
CA ILE A 44 -5.47 -18.42 -4.24
C ILE A 44 -6.75 -18.55 -3.41
N SER A 45 -7.05 -17.53 -2.61
CA SER A 45 -8.13 -17.61 -1.64
C SER A 45 -9.48 -17.24 -2.25
N ASN A 46 -9.46 -16.71 -3.46
CA ASN A 46 -10.67 -16.17 -4.08
C ASN A 46 -10.94 -16.84 -5.42
N GLU A 47 -12.05 -17.59 -5.49
CA GLU A 47 -12.38 -18.36 -6.69
C GLU A 47 -12.75 -17.47 -7.87
N GLY A 48 -12.94 -16.18 -7.61
CA GLY A 48 -13.29 -15.24 -8.67
C GLY A 48 -12.05 -14.69 -9.36
N ALA A 49 -10.87 -15.20 -9.01
CA ALA A 49 -9.62 -14.73 -9.59
C ALA A 49 -8.81 -15.86 -10.22
N ASP A 50 -8.37 -15.65 -11.45
CA ASP A 50 -7.52 -16.62 -12.14
C ASP A 50 -6.06 -16.37 -11.78
N THR A 51 -5.23 -17.39 -11.94
CA THR A 51 -3.80 -17.29 -11.72
C THR A 51 -3.12 -17.92 -12.92
N TYR A 52 -2.60 -17.06 -13.81
CA TYR A 52 -1.98 -17.50 -15.05
C TYR A 52 -0.48 -17.25 -15.04
N LEU A 53 0.27 -18.22 -15.56
CA LEU A 53 1.73 -18.12 -15.61
C LEU A 53 2.22 -17.85 -17.04
N PHE A 54 3.14 -16.90 -17.18
CA PHE A 54 3.75 -16.58 -18.47
C PHE A 54 5.25 -16.67 -18.34
N GLY A 55 5.94 -16.99 -19.43
CA GLY A 55 7.38 -17.03 -19.39
C GLY A 55 7.97 -17.90 -20.47
N PRO A 56 9.30 -18.06 -20.44
CA PRO A 56 10.04 -18.79 -21.47
C PRO A 56 9.59 -20.25 -21.55
N GLY A 57 9.48 -20.79 -22.76
CA GLY A 57 9.04 -22.17 -22.91
C GLY A 57 7.54 -22.32 -22.88
N ILE A 58 6.84 -21.23 -22.58
CA ILE A 58 5.38 -21.22 -22.56
C ILE A 58 4.87 -20.34 -23.70
N SER A 59 4.24 -20.96 -24.69
CA SER A 59 3.81 -20.23 -25.89
C SER A 59 2.74 -19.16 -25.64
N ASP A 60 1.75 -19.50 -24.82
CA ASP A 60 0.71 -18.52 -24.48
C ASP A 60 0.69 -18.25 -22.97
N SER A 61 0.21 -19.23 -22.21
CA SER A 61 0.15 -19.12 -20.75
C SER A 61 -0.20 -20.48 -20.19
N VAL A 62 0.02 -20.64 -18.89
CA VAL A 62 -0.37 -21.85 -18.18
C VAL A 62 -1.33 -21.49 -17.07
N ASP A 63 -2.45 -22.18 -17.02
CA ASP A 63 -3.44 -21.99 -15.96
C ASP A 63 -2.97 -22.78 -14.74
N LEU A 64 -2.65 -22.09 -13.65
CA LEU A 64 -2.14 -22.75 -12.45
C LEU A 64 -3.22 -22.92 -11.36
N SER A 65 -4.46 -22.53 -11.68
CA SER A 65 -5.55 -22.70 -10.71
C SER A 65 -5.81 -24.18 -10.41
N ARG A 66 -6.44 -24.46 -9.27
CA ARG A 66 -6.45 -25.81 -8.69
C ARG A 66 -7.07 -26.90 -9.56
N TYR A 67 -8.02 -26.55 -10.42
CA TYR A 67 -8.68 -27.55 -11.24
C TYR A 67 -8.13 -27.60 -12.67
N SER A 68 -7.04 -26.87 -12.89
CA SER A 68 -6.43 -26.85 -14.22
C SER A 68 -5.84 -28.20 -14.61
N SER A 69 -6.17 -28.65 -15.82
CA SER A 69 -5.63 -29.88 -16.35
C SER A 69 -4.12 -29.79 -16.62
N GLU A 70 -3.55 -28.59 -16.49
CA GLU A 70 -2.13 -28.42 -16.74
C GLU A 70 -1.26 -28.77 -15.52
N LEU A 71 -1.90 -28.92 -14.36
CA LEU A 71 -1.20 -29.33 -13.15
C LEU A 71 -1.10 -30.85 -13.07
N ASP A 72 -0.06 -31.36 -12.40
CA ASP A 72 0.02 -32.80 -12.12
C ASP A 72 -0.81 -33.17 -10.90
N GLY A 73 -0.69 -34.42 -10.46
CA GLY A 73 -1.43 -34.94 -9.33
C GLY A 73 -1.16 -34.26 -8.00
N ASN A 74 -0.07 -33.50 -7.92
CA ASN A 74 0.31 -32.81 -6.69
C ASN A 74 0.03 -31.31 -6.72
N GLY A 75 -0.76 -30.88 -7.70
CA GLY A 75 -1.07 -29.47 -7.87
C GLY A 75 0.10 -28.63 -8.37
N GLN A 76 1.11 -29.26 -8.96
CA GLN A 76 2.32 -28.54 -9.43
C GLN A 76 2.47 -28.53 -10.95
N TYR A 77 3.20 -27.53 -11.43
CA TYR A 77 3.58 -27.41 -12.83
C TYR A 77 5.10 -27.34 -12.93
N THR A 78 5.69 -28.09 -13.86
CA THR A 78 7.14 -28.09 -14.02
C THR A 78 7.60 -27.02 -15.01
N LEU A 79 8.46 -26.10 -14.55
CA LEU A 79 8.89 -24.99 -15.42
C LEU A 79 9.80 -25.49 -16.53
N PRO A 80 9.44 -25.17 -17.79
CA PRO A 80 10.12 -25.78 -18.93
C PRO A 80 11.42 -25.10 -19.31
N ALA A 81 11.74 -23.96 -18.70
CA ALA A 81 13.00 -23.27 -19.00
C ALA A 81 13.51 -22.47 -17.81
N SER A 82 14.77 -22.04 -17.90
CA SER A 82 15.34 -21.19 -16.87
C SER A 82 15.17 -19.74 -17.28
N GLY A 83 14.75 -18.89 -16.33
CA GLY A 83 14.60 -17.48 -16.63
C GLY A 83 13.49 -16.84 -15.84
N LYS A 84 12.98 -15.74 -16.37
CA LYS A 84 12.03 -14.90 -15.66
C LYS A 84 10.59 -15.22 -16.02
N TYR A 85 9.79 -15.57 -15.01
CA TYR A 85 8.38 -15.86 -15.20
C TYR A 85 7.50 -14.78 -14.60
N GLU A 86 6.25 -14.75 -15.04
CA GLU A 86 5.24 -13.84 -14.49
C GLU A 86 4.00 -14.61 -14.10
N LEU A 87 3.56 -14.45 -12.86
CA LEU A 87 2.27 -14.97 -12.44
C LEU A 87 1.34 -13.79 -12.41
N LYS A 88 0.24 -13.86 -13.15
CA LYS A 88 -0.71 -12.75 -13.11
C LYS A 88 -1.98 -13.18 -12.41
N VAL A 89 -2.50 -12.30 -11.57
CA VAL A 89 -3.72 -12.53 -10.84
C VAL A 89 -4.73 -11.56 -11.41
N LEU A 90 -5.80 -12.10 -12.01
CA LEU A 90 -6.82 -11.29 -12.64
C LEU A 90 -8.18 -11.86 -12.36
N GLN A 91 -9.23 -11.05 -12.43
CA GLN A 91 -10.57 -11.57 -12.20
C GLN A 91 -11.00 -12.40 -13.41
N THR A 92 -11.85 -13.40 -13.19
CA THR A 92 -12.45 -14.08 -14.33
C THR A 92 -13.23 -13.04 -15.13
N ARG A 93 -13.45 -13.30 -16.42
CA ARG A 93 -14.11 -12.32 -17.27
C ARG A 93 -15.56 -12.11 -16.82
N ASN A 94 -16.20 -13.16 -16.31
CA ASN A 94 -17.57 -13.04 -15.82
C ASN A 94 -17.68 -12.17 -14.59
N GLU A 95 -16.66 -12.26 -13.73
CA GLU A 95 -16.57 -11.40 -12.56
C GLU A 95 -16.13 -9.98 -12.95
N ALA A 96 -15.17 -9.84 -13.86
CA ALA A 96 -14.64 -8.53 -14.26
C ALA A 96 -15.71 -7.56 -14.74
N ARG A 97 -16.73 -8.11 -15.42
CA ARG A 97 -17.90 -7.37 -15.92
C ARG A 97 -18.50 -6.46 -14.87
N LYS A 98 -18.47 -6.91 -13.62
CA LYS A 98 -19.19 -6.24 -12.55
C LYS A 98 -18.48 -4.99 -12.03
N ASN A 99 -17.22 -4.83 -12.44
CA ASN A 99 -16.38 -3.71 -12.03
C ASN A 99 -16.42 -3.51 -10.52
N LYS A 100 -16.11 -4.59 -9.80
CA LYS A 100 -16.09 -4.60 -8.34
C LYS A 100 -14.67 -4.89 -7.90
N ALA A 101 -14.28 -4.41 -6.73
CA ALA A 101 -12.96 -4.75 -6.22
C ALA A 101 -13.03 -6.03 -5.40
N LYS A 102 -12.12 -6.95 -5.70
CA LYS A 102 -12.02 -8.19 -4.95
C LYS A 102 -10.69 -8.19 -4.23
N LYS A 103 -10.69 -8.64 -2.98
CA LYS A 103 -9.41 -8.91 -2.31
C LYS A 103 -9.05 -10.38 -2.53
N TYR A 104 -7.76 -10.66 -2.48
CA TYR A 104 -7.28 -12.03 -2.62
C TYR A 104 -5.96 -12.21 -1.87
N SER A 105 -5.64 -13.47 -1.59
N SER A 105 -5.64 -13.47 -1.58
CA SER A 105 -4.35 -13.86 -1.05
CA SER A 105 -4.34 -13.83 -1.06
C SER A 105 -3.82 -14.97 -1.92
C SER A 105 -3.83 -14.96 -1.95
N VAL A 106 -2.57 -14.87 -2.32
CA VAL A 106 -1.97 -15.87 -3.20
C VAL A 106 -0.73 -16.45 -2.52
N ASN A 107 -0.57 -17.77 -2.61
CA ASN A 107 0.63 -18.41 -2.09
C ASN A 107 1.41 -18.97 -3.25
N ILE A 108 2.68 -18.59 -3.36
CA ILE A 108 3.51 -18.98 -4.48
C ILE A 108 4.65 -19.86 -3.98
N GLN A 109 4.66 -21.11 -4.41
CA GLN A 109 5.68 -22.05 -3.97
C GLN A 109 6.51 -22.52 -5.15
N ILE A 110 7.83 -22.41 -5.05
CA ILE A 110 8.72 -22.86 -6.12
C ILE A 110 9.75 -23.81 -5.51
N LYS A 111 9.73 -25.07 -5.94
CA LYS A 111 10.56 -26.13 -5.39
C LYS A 111 11.46 -26.73 -6.45
N GLY B 2 1.17 -6.40 5.05
CA GLY B 2 0.98 -4.97 5.06
C GLY B 2 0.53 -4.45 6.42
N LYS B 3 0.33 -3.13 6.53
CA LYS B 3 -0.12 -2.54 7.78
C LYS B 3 -1.55 -2.96 8.09
N ASN B 4 -1.75 -3.48 9.29
CA ASN B 4 -3.03 -4.06 9.66
C ASN B 4 -3.36 -3.63 11.09
N VAL B 5 -4.48 -2.93 11.26
CA VAL B 5 -4.81 -2.28 12.51
C VAL B 5 -6.17 -2.73 13.02
N ASN B 6 -6.23 -3.11 14.29
CA ASN B 6 -7.51 -3.37 14.95
C ASN B 6 -8.08 -2.08 15.49
N VAL B 7 -9.19 -1.63 14.92
CA VAL B 7 -9.78 -0.34 15.26
C VAL B 7 -10.22 -0.27 16.72
N GLU B 8 -9.81 0.79 17.40
CA GLU B 8 -10.30 1.11 18.74
C GLU B 8 -11.06 2.43 18.64
N PHE B 9 -12.34 2.41 18.97
CA PHE B 9 -13.15 3.63 18.83
C PHE B 9 -13.00 4.57 20.03
N GLN B 13 -17.03 7.37 22.44
CA GLN B 13 -16.82 7.77 21.05
C GLN B 13 -17.30 6.69 20.10
N ASN B 14 -17.93 7.11 19.01
CA ASN B 14 -18.31 6.18 17.95
C ASN B 14 -17.35 6.35 16.78
N SER B 15 -16.21 6.97 17.07
CA SER B 15 -15.27 7.37 16.04
C SER B 15 -13.83 6.94 16.32
N ALA B 16 -13.10 6.67 15.25
CA ALA B 16 -11.68 6.36 15.35
C ALA B 16 -10.98 7.12 14.24
N ARG B 17 -9.80 7.65 14.52
CA ARG B 17 -9.08 8.44 13.55
C ARG B 17 -7.66 7.92 13.45
N TYR B 18 -7.22 7.61 12.24
CA TYR B 18 -5.89 7.04 12.03
C TYR B 18 -5.21 7.79 10.92
N SER B 19 -3.89 7.84 10.98
CA SER B 19 -3.09 8.49 9.94
C SER B 19 -2.16 7.45 9.38
N GLY B 20 -1.82 7.58 8.11
CA GLY B 20 -0.90 6.64 7.49
C GLY B 20 -0.20 7.21 6.29
N VAL B 21 0.74 6.42 5.75
CA VAL B 21 1.39 6.74 4.49
C VAL B 21 1.45 5.47 3.66
N ILE B 22 0.94 5.52 2.44
CA ILE B 22 1.01 4.38 1.54
C ILE B 22 1.67 4.79 0.23
N LYS B 23 2.50 3.90 -0.30
CA LYS B 23 3.24 4.16 -1.53
C LYS B 23 2.77 3.21 -2.63
N GLY B 24 2.55 3.76 -3.82
CA GLY B 24 2.19 2.94 -4.97
C GLY B 24 0.93 2.11 -4.72
N TYR B 25 1.07 0.80 -4.87
CA TYR B 25 -0.05 -0.14 -4.77
C TYR B 25 -0.24 -0.69 -3.37
N ASP B 26 0.58 -0.25 -2.42
CA ASP B 26 0.41 -0.70 -1.03
C ASP B 26 -0.93 -0.22 -0.46
N TYR B 27 -1.47 -0.97 0.49
CA TYR B 27 -2.69 -0.53 1.15
C TYR B 27 -2.63 -0.84 2.63
N ASP B 28 -3.40 -0.09 3.43
CA ASP B 28 -3.47 -0.31 4.86
C ASP B 28 -4.84 -0.86 5.19
N THR B 29 -4.90 -1.73 6.20
CA THR B 29 -6.15 -2.39 6.56
C THR B 29 -6.58 -2.10 7.99
N TYR B 30 -7.85 -1.71 8.13
CA TYR B 30 -8.42 -1.38 9.43
C TYR B 30 -9.56 -2.34 9.73
N ASN B 31 -9.40 -3.10 10.81
CA ASN B 31 -10.37 -4.11 11.21
C ASN B 31 -11.33 -3.67 12.28
N PHE B 32 -12.61 -3.98 12.09
CA PHE B 32 -13.58 -3.74 13.15
C PHE B 32 -14.72 -4.76 13.12
N GLN B 33 -15.46 -4.82 14.22
CA GLN B 33 -16.64 -5.64 14.32
C GLN B 33 -17.86 -4.73 14.37
N ALA B 34 -18.98 -5.20 13.84
CA ALA B 34 -20.22 -4.44 13.91
C ALA B 34 -21.44 -5.30 13.64
N ARG B 35 -22.61 -4.77 13.98
CA ARG B 35 -23.88 -5.48 13.87
C ARG B 35 -24.65 -5.07 12.61
N LYS B 36 -25.36 -6.03 12.01
CA LYS B 36 -26.23 -5.75 10.89
C LYS B 36 -27.16 -4.58 11.21
N GLY B 37 -27.24 -3.61 10.29
CA GLY B 37 -28.12 -2.48 10.47
C GLY B 37 -27.43 -1.23 11.01
N GLN B 38 -26.25 -1.39 11.58
CA GLN B 38 -25.46 -0.23 11.97
C GLN B 38 -25.00 0.48 10.71
N LYS B 39 -24.77 1.78 10.82
CA LYS B 39 -24.31 2.59 9.70
CA LYS B 39 -24.31 2.58 9.69
C LYS B 39 -22.85 2.96 9.86
N VAL B 40 -22.08 2.83 8.78
CA VAL B 40 -20.68 3.23 8.80
C VAL B 40 -20.51 4.48 7.94
N HIS B 41 -19.64 5.38 8.39
CA HIS B 41 -19.24 6.54 7.60
C HIS B 41 -17.74 6.62 7.68
N VAL B 42 -17.08 6.67 6.52
CA VAL B 42 -15.63 6.77 6.46
C VAL B 42 -15.27 8.01 5.66
N SER B 43 -14.45 8.88 6.21
CA SER B 43 -13.99 10.02 5.44
C SER B 43 -12.48 9.98 5.39
N ILE B 44 -11.91 10.62 4.38
CA ILE B 44 -10.46 10.61 4.26
C ILE B 44 -9.93 11.92 3.72
N SER B 45 -8.78 12.34 4.23
CA SER B 45 -8.21 13.64 3.89
C SER B 45 -7.74 13.70 2.44
N ASN B 46 -7.24 12.57 1.95
CA ASN B 46 -6.58 12.51 0.65
C ASN B 46 -7.48 11.86 -0.40
N GLU B 47 -7.94 12.68 -1.35
CA GLU B 47 -8.88 12.23 -2.37
C GLU B 47 -8.22 11.34 -3.42
N GLY B 48 -6.90 11.21 -3.35
CA GLY B 48 -6.18 10.27 -4.18
C GLY B 48 -6.21 8.88 -3.59
N ALA B 49 -6.88 8.76 -2.45
CA ALA B 49 -6.97 7.48 -1.72
C ALA B 49 -8.40 7.00 -1.59
N ASP B 50 -8.66 5.79 -2.08
CA ASP B 50 -9.97 5.17 -1.94
C ASP B 50 -10.09 4.42 -0.62
N THR B 51 -11.33 4.16 -0.20
CA THR B 51 -11.59 3.43 1.02
C THR B 51 -12.63 2.35 0.70
N TYR B 52 -12.23 1.09 0.71
CA TYR B 52 -13.13 -0.03 0.34
C TYR B 52 -13.42 -0.91 1.55
N LEU B 53 -14.68 -1.31 1.68
CA LEU B 53 -15.13 -2.12 2.80
C LEU B 53 -15.35 -3.57 2.37
N PHE B 54 -14.83 -4.50 3.16
CA PHE B 54 -14.99 -5.93 2.92
C PHE B 54 -15.59 -6.56 4.17
N GLY B 55 -16.40 -7.60 4.01
CA GLY B 55 -16.93 -8.27 5.18
C GLY B 55 -18.16 -9.12 4.91
N PRO B 56 -18.81 -9.59 5.98
CA PRO B 56 -19.94 -10.51 5.83
C PRO B 56 -21.09 -9.84 5.09
N GLY B 57 -21.77 -10.61 4.24
CA GLY B 57 -22.88 -10.08 3.46
C GLY B 57 -22.47 -9.18 2.30
N ILE B 58 -21.16 -9.02 2.09
CA ILE B 58 -20.65 -8.25 0.96
C ILE B 58 -19.86 -9.20 0.06
N SER B 59 -20.42 -9.52 -1.11
CA SER B 59 -19.81 -10.54 -1.98
C SER B 59 -18.41 -10.14 -2.45
N ASP B 60 -18.22 -8.86 -2.75
CA ASP B 60 -16.92 -8.41 -3.21
C ASP B 60 -16.37 -7.31 -2.31
N SER B 61 -16.88 -6.09 -2.48
CA SER B 61 -16.51 -4.95 -1.64
C SER B 61 -17.50 -3.82 -1.84
N VAL B 62 -17.46 -2.86 -0.93
CA VAL B 62 -18.32 -1.68 -1.03
C VAL B 62 -17.41 -0.46 -1.04
N ASP B 63 -17.58 0.40 -2.03
CA ASP B 63 -16.80 1.63 -2.08
C ASP B 63 -17.40 2.65 -1.10
N LEU B 64 -16.67 3.04 -0.07
CA LEU B 64 -17.19 4.01 0.91
C LEU B 64 -16.64 5.42 0.68
N SER B 65 -15.89 5.61 -0.41
CA SER B 65 -15.32 6.92 -0.71
CA SER B 65 -15.30 6.91 -0.71
C SER B 65 -16.40 7.96 -0.93
N ARG B 66 -16.06 9.24 -0.74
CA ARG B 66 -17.08 10.30 -0.65
C ARG B 66 -18.07 10.41 -1.80
N TYR B 67 -17.62 10.11 -3.02
CA TYR B 67 -18.51 10.24 -4.17
C TYR B 67 -19.14 8.92 -4.62
N SER B 68 -18.96 7.86 -3.83
CA SER B 68 -19.49 6.56 -4.17
CA SER B 68 -19.49 6.56 -4.17
C SER B 68 -21.03 6.56 -4.18
N SER B 69 -21.61 5.95 -5.20
CA SER B 69 -23.06 5.83 -5.30
C SER B 69 -23.63 4.88 -4.25
N GLU B 70 -22.76 4.19 -3.52
CA GLU B 70 -23.21 3.22 -2.51
C GLU B 70 -23.68 3.92 -1.21
N LEU B 71 -23.27 5.17 -1.02
CA LEU B 71 -23.65 5.89 0.19
C LEU B 71 -25.03 6.53 0.10
N ASP B 72 -25.70 6.64 1.24
CA ASP B 72 -26.96 7.39 1.29
C ASP B 72 -26.68 8.90 1.34
N GLY B 73 -27.73 9.68 1.54
CA GLY B 73 -27.61 11.13 1.51
C GLY B 73 -26.80 11.73 2.66
N ASN B 74 -26.55 10.92 3.67
CA ASN B 74 -25.75 11.34 4.82
C ASN B 74 -24.32 10.83 4.74
N GLY B 75 -23.96 10.24 3.61
CA GLY B 75 -22.62 9.72 3.41
C GLY B 75 -22.41 8.42 4.16
N GLN B 76 -23.51 7.76 4.52
CA GLN B 76 -23.42 6.51 5.28
C GLN B 76 -23.79 5.26 4.46
N TYR B 77 -23.32 4.11 4.92
CA TYR B 77 -23.64 2.81 4.36
C TYR B 77 -24.16 1.91 5.47
N THR B 78 -25.28 1.22 5.23
CA THR B 78 -25.88 0.36 6.24
C THR B 78 -25.30 -1.04 6.14
N LEU B 79 -24.74 -1.55 7.23
CA LEU B 79 -24.07 -2.85 7.19
C LEU B 79 -25.09 -3.96 6.93
N PRO B 80 -24.80 -4.85 5.97
CA PRO B 80 -25.76 -5.89 5.55
C PRO B 80 -25.77 -7.13 6.45
N ALA B 81 -24.77 -7.26 7.32
CA ALA B 81 -24.65 -8.46 8.14
C ALA B 81 -23.86 -8.12 9.40
N SER B 82 -23.70 -9.09 10.29
CA SER B 82 -22.97 -8.87 11.51
C SER B 82 -21.64 -9.61 11.46
N GLY B 83 -20.60 -9.01 12.03
CA GLY B 83 -19.34 -9.73 12.17
C GLY B 83 -18.13 -8.86 11.93
N LYS B 84 -17.06 -9.49 11.42
CA LYS B 84 -15.78 -8.81 11.27
C LYS B 84 -15.62 -8.17 9.91
N TYR B 85 -15.44 -6.86 9.91
CA TYR B 85 -15.27 -6.11 8.68
C TYR B 85 -13.82 -5.60 8.55
N GLU B 86 -13.42 -5.34 7.31
CA GLU B 86 -12.12 -4.74 7.00
C GLU B 86 -12.32 -3.51 6.12
N LEU B 87 -11.72 -2.40 6.52
CA LEU B 87 -11.70 -1.22 5.69
C LEU B 87 -10.29 -1.07 5.13
N LYS B 88 -10.17 -1.05 3.80
CA LYS B 88 -8.85 -0.88 3.21
C LYS B 88 -8.67 0.49 2.59
N VAL B 89 -7.51 1.10 2.85
CA VAL B 89 -7.17 2.41 2.31
C VAL B 89 -6.08 2.19 1.25
N LEU B 90 -6.37 2.56 0.01
CA LEU B 90 -5.44 2.34 -1.10
C LEU B 90 -5.50 3.51 -2.06
N GLN B 91 -4.46 3.65 -2.87
CA GLN B 91 -4.46 4.66 -3.92
C GLN B 91 -5.35 4.19 -5.08
N THR B 92 -5.96 5.14 -5.78
CA THR B 92 -6.57 4.84 -7.07
C THR B 92 -5.49 4.25 -7.99
N ARG B 93 -5.87 3.37 -8.92
CA ARG B 93 -4.88 2.72 -9.79
C ARG B 93 -4.10 3.76 -10.59
N ASN B 94 -4.79 4.80 -11.03
CA ASN B 94 -4.15 5.87 -11.80
C ASN B 94 -3.09 6.62 -11.01
N GLU B 95 -3.30 6.75 -9.70
CA GLU B 95 -2.30 7.36 -8.82
C GLU B 95 -1.21 6.36 -8.46
N ALA B 96 -1.62 5.12 -8.21
CA ALA B 96 -0.69 4.06 -7.76
C ALA B 96 0.46 3.84 -8.74
N ARG B 97 0.18 3.97 -10.03
CA ARG B 97 1.21 3.74 -11.05
C ARG B 97 2.40 4.69 -10.92
N LYS B 98 2.21 5.83 -10.27
CA LYS B 98 3.30 6.80 -10.09
C LYS B 98 4.32 6.32 -9.07
N ASN B 99 3.93 5.34 -8.26
CA ASN B 99 4.79 4.80 -7.21
C ASN B 99 5.34 5.90 -6.31
N LYS B 100 4.44 6.75 -5.82
CA LYS B 100 4.80 7.84 -4.92
C LYS B 100 4.15 7.58 -3.55
N ALA B 101 4.67 8.22 -2.52
CA ALA B 101 4.05 8.08 -1.20
C ALA B 101 2.98 9.14 -0.99
N LYS B 102 1.81 8.71 -0.51
CA LYS B 102 0.71 9.62 -0.19
C LYS B 102 0.38 9.50 1.28
N LYS B 103 0.25 10.62 1.97
CA LYS B 103 -0.22 10.55 3.34
C LYS B 103 -1.74 10.63 3.37
N TYR B 104 -2.33 10.11 4.44
CA TYR B 104 -3.78 10.22 4.62
C TYR B 104 -4.15 10.23 6.09
N SER B 105 -5.34 10.74 6.36
CA SER B 105 -5.95 10.65 7.66
CA SER B 105 -5.95 10.63 7.67
C SER B 105 -7.35 10.11 7.42
N VAL B 106 -7.70 9.04 8.12
CA VAL B 106 -8.99 8.39 7.89
C VAL B 106 -9.84 8.44 9.16
N ASN B 107 -11.12 8.77 9.02
CA ASN B 107 -12.03 8.79 10.15
C ASN B 107 -13.08 7.72 9.94
N ILE B 108 -13.21 6.82 10.92
CA ILE B 108 -14.17 5.73 10.82
C ILE B 108 -15.23 5.88 11.90
N GLN B 109 -16.48 6.01 11.46
CA GLN B 109 -17.58 6.18 12.38
C GLN B 109 -18.60 5.06 12.22
N ILE B 110 -18.99 4.45 13.35
CA ILE B 110 -20.04 3.43 13.36
C ILE B 110 -21.17 3.82 14.31
N LYS B 111 -22.39 3.92 13.77
CA LYS B 111 -23.55 4.25 14.59
C LYS B 111 -24.63 3.19 14.43
N GLY C 2 1.69 8.79 14.96
CA GLY C 2 2.93 8.65 15.71
C GLY C 2 3.45 9.96 16.26
N LYS C 3 4.76 10.01 16.52
CA LYS C 3 5.44 11.22 16.99
C LYS C 3 5.15 12.37 16.03
N ASN C 4 4.75 13.53 16.56
CA ASN C 4 4.48 14.68 15.71
C ASN C 4 5.07 15.95 16.33
N VAL C 5 6.19 16.41 15.78
CA VAL C 5 6.99 17.46 16.39
C VAL C 5 6.93 18.76 15.59
N ASN C 6 6.68 19.87 16.27
CA ASN C 6 6.81 21.17 15.62
C ASN C 6 8.27 21.63 15.63
N VAL C 7 8.88 21.67 14.45
CA VAL C 7 10.27 22.05 14.31
C VAL C 7 10.49 23.51 14.73
N GLU C 8 11.43 23.72 15.65
CA GLU C 8 11.89 25.07 15.95
C GLU C 8 13.38 25.18 15.66
N PHE C 9 13.77 26.17 14.87
CA PHE C 9 15.11 26.20 14.32
C PHE C 9 16.19 26.78 15.22
N ASP C 10 17.43 26.38 14.94
CA ASP C 10 18.59 26.73 15.76
C ASP C 10 19.89 26.61 14.97
N ASN C 14 17.96 28.38 10.36
CA ASN C 14 18.76 27.63 9.40
C ASN C 14 18.58 26.11 9.50
N SER C 15 18.87 25.55 10.68
CA SER C 15 18.93 24.08 10.83
C SER C 15 18.36 23.55 12.16
N ALA C 16 17.79 22.35 12.12
CA ALA C 16 17.29 21.69 13.33
C ALA C 16 17.61 20.20 13.26
N ARG C 17 18.16 19.67 14.35
CA ARG C 17 18.55 18.25 14.38
C ARG C 17 17.69 17.46 15.37
N TYR C 18 17.10 16.36 14.91
CA TYR C 18 16.26 15.53 15.74
C TYR C 18 16.68 14.08 15.64
N SER C 19 16.32 13.30 16.65
CA SER C 19 16.64 11.88 16.66
CA SER C 19 16.62 11.88 16.60
C SER C 19 15.40 11.09 17.03
N GLY C 20 15.36 9.83 16.62
CA GLY C 20 14.24 9.00 16.97
C GLY C 20 14.62 7.55 16.92
N VAL C 21 13.63 6.71 17.22
CA VAL C 21 13.73 5.27 17.10
C VAL C 21 12.37 4.82 16.56
N ILE C 22 12.35 4.22 15.39
CA ILE C 22 11.09 3.75 14.79
C ILE C 22 11.15 2.27 14.48
N LYS C 23 10.06 1.56 14.74
CA LYS C 23 10.00 0.13 14.47
C LYS C 23 8.89 -0.16 13.45
N GLY C 24 9.12 -1.10 12.54
CA GLY C 24 8.10 -1.55 11.63
C GLY C 24 7.46 -0.43 10.80
N TYR C 25 6.14 -0.32 10.88
CA TYR C 25 5.42 0.75 10.15
C TYR C 25 5.36 2.09 10.89
N ASP C 26 5.95 2.18 12.07
CA ASP C 26 6.03 3.46 12.78
C ASP C 26 6.72 4.52 11.93
N TYR C 27 6.25 5.75 12.00
CA TYR C 27 6.98 6.85 11.38
C TYR C 27 6.90 8.07 12.27
N ASP C 28 7.89 8.97 12.13
CA ASP C 28 7.92 10.19 12.90
C ASP C 28 7.73 11.37 11.96
N THR C 29 7.08 12.42 12.44
CA THR C 29 6.74 13.56 11.60
C THR C 29 7.26 14.84 12.21
N TYR C 30 7.90 15.66 11.39
CA TYR C 30 8.44 16.94 11.82
C TYR C 30 7.81 18.03 10.98
N ASN C 31 6.97 18.85 11.61
CA ASN C 31 6.23 19.93 10.94
C ASN C 31 6.99 21.25 10.96
N PHE C 32 6.93 22.01 9.88
CA PHE C 32 7.51 23.35 9.90
C PHE C 32 6.76 24.27 8.96
N GLN C 33 6.78 25.56 9.26
CA GLN C 33 6.19 26.57 8.41
C GLN C 33 7.26 27.08 7.48
N ALA C 34 6.90 27.38 6.24
CA ALA C 34 7.87 27.92 5.30
C ALA C 34 7.24 28.78 4.22
N ARG C 35 8.07 29.56 3.54
CA ARG C 35 7.60 30.41 2.45
C ARG C 35 7.98 29.84 1.09
N LYS C 36 7.13 30.14 0.09
CA LYS C 36 7.37 29.70 -1.28
C LYS C 36 8.74 30.16 -1.75
N GLY C 37 9.48 29.26 -2.39
CA GLY C 37 10.77 29.63 -2.93
C GLY C 37 11.94 29.34 -2.02
N GLN C 38 11.71 29.15 -0.73
CA GLN C 38 12.79 28.72 0.17
C GLN C 38 13.22 27.33 -0.23
N LYS C 39 14.48 27.00 0.06
CA LYS C 39 15.04 25.70 -0.29
CA LYS C 39 15.03 25.69 -0.29
C LYS C 39 15.26 24.86 0.96
N VAL C 40 14.92 23.58 0.87
CA VAL C 40 15.12 22.65 1.98
CA VAL C 40 15.16 22.67 1.98
C VAL C 40 16.16 21.59 1.61
N HIS C 41 16.87 21.12 2.63
CA HIS C 41 17.82 20.04 2.48
C HIS C 41 17.70 19.20 3.73
N VAL C 42 17.58 17.89 3.57
CA VAL C 42 17.46 17.00 4.71
C VAL C 42 18.47 15.89 4.60
N SER C 43 19.19 15.62 5.69
CA SER C 43 20.14 14.52 5.72
C SER C 43 19.70 13.59 6.84
N ILE C 44 20.09 12.32 6.73
CA ILE C 44 19.73 11.34 7.75
C ILE C 44 20.88 10.36 7.94
N SER C 45 21.06 9.91 9.17
CA SER C 45 22.22 9.10 9.52
C SER C 45 22.06 7.62 9.15
N ASN C 46 20.84 7.23 8.82
CA ASN C 46 20.52 5.81 8.60
C ASN C 46 19.90 5.58 7.22
N GLU C 47 20.65 4.89 6.35
CA GLU C 47 20.19 4.61 4.99
C GLU C 47 18.91 3.77 4.95
N GLY C 48 18.55 3.17 6.08
CA GLY C 48 17.37 2.35 6.16
C GLY C 48 16.13 3.14 6.52
N ALA C 49 16.26 4.46 6.56
CA ALA C 49 15.11 5.33 6.79
C ALA C 49 14.96 6.34 5.67
N ASP C 50 13.76 6.39 5.09
CA ASP C 50 13.44 7.37 4.07
C ASP C 50 13.07 8.70 4.72
N THR C 51 13.21 9.78 3.97
CA THR C 51 12.80 11.12 4.42
C THR C 51 11.93 11.74 3.34
N TYR C 52 10.62 11.79 3.58
CA TYR C 52 9.67 12.26 2.56
C TYR C 52 9.03 13.56 3.01
N LEU C 53 8.90 14.50 2.08
CA LEU C 53 8.29 15.80 2.41
C LEU C 53 6.87 15.90 1.87
N PHE C 54 5.96 16.39 2.72
CA PHE C 54 4.56 16.60 2.36
C PHE C 54 4.21 18.05 2.62
N GLY C 55 3.28 18.59 1.84
CA GLY C 55 2.86 19.96 2.10
C GLY C 55 2.10 20.58 0.95
N PRO C 56 1.76 21.87 1.08
CA PRO C 56 1.00 22.58 0.05
C PRO C 56 1.80 22.64 -1.24
N GLY C 57 1.14 22.47 -2.38
CA GLY C 57 1.80 22.53 -3.67
C GLY C 57 2.47 21.23 -4.05
N ILE C 58 2.53 20.29 -3.11
CA ILE C 58 3.09 18.96 -3.35
C ILE C 58 1.95 17.94 -3.52
N SER C 59 1.82 17.37 -4.71
CA SER C 59 0.68 16.50 -5.01
C SER C 59 0.69 15.23 -4.19
N ASP C 60 1.86 14.60 -4.09
CA ASP C 60 2.01 13.37 -3.29
C ASP C 60 3.01 13.61 -2.18
N SER C 61 4.27 13.40 -2.52
CA SER C 61 5.35 13.68 -1.58
C SER C 61 6.62 13.86 -2.39
N VAL C 62 7.65 14.39 -1.74
CA VAL C 62 8.95 14.56 -2.37
C VAL C 62 9.97 13.74 -1.59
N ASP C 63 10.71 12.89 -2.29
CA ASP C 63 11.81 12.16 -1.69
C ASP C 63 13.01 13.11 -1.54
N LEU C 64 13.41 13.39 -0.31
CA LEU C 64 14.51 14.32 -0.06
C LEU C 64 15.82 13.60 0.25
N SER C 65 15.84 12.27 0.13
CA SER C 65 17.04 11.50 0.44
C SER C 65 18.15 11.82 -0.57
N ARG C 66 19.40 11.55 -0.21
CA ARG C 66 20.55 12.13 -0.91
C ARG C 66 20.65 11.84 -2.42
N TYR C 67 20.20 10.67 -2.85
CA TYR C 67 20.29 10.31 -4.26
C TYR C 67 18.97 10.49 -5.00
N SER C 68 18.02 11.20 -4.40
CA SER C 68 16.71 11.41 -5.01
C SER C 68 16.80 12.24 -6.29
N SER C 69 16.04 11.82 -7.29
CA SER C 69 15.99 12.50 -8.58
C SER C 69 15.22 13.82 -8.47
N GLU C 70 14.49 14.01 -7.37
CA GLU C 70 13.71 15.23 -7.20
C GLU C 70 14.56 16.44 -6.78
N LEU C 71 15.75 16.16 -6.27
CA LEU C 71 16.66 17.18 -5.77
C LEU C 71 17.42 17.91 -6.89
N ASP C 72 17.71 19.19 -6.68
CA ASP C 72 18.56 19.91 -7.61
C ASP C 72 20.05 19.55 -7.47
N GLY C 73 20.92 20.26 -8.18
CA GLY C 73 22.34 19.96 -8.19
C GLY C 73 23.04 20.21 -6.87
N ASN C 74 22.42 21.00 -6.00
CA ASN C 74 22.95 21.26 -4.67
C ASN C 74 22.31 20.38 -3.59
N GLY C 75 21.53 19.39 -4.00
CA GLY C 75 20.88 18.47 -3.07
C GLY C 75 19.70 19.13 -2.37
N GLN C 76 19.14 20.16 -2.99
CA GLN C 76 18.03 20.89 -2.39
C GLN C 76 16.74 20.78 -3.18
N TYR C 77 15.63 21.14 -2.53
CA TYR C 77 14.32 21.14 -3.14
C TYR C 77 13.72 22.52 -2.86
N THR C 78 13.16 23.13 -3.89
CA THR C 78 12.54 24.45 -3.73
C THR C 78 11.06 24.29 -3.40
N LEU C 79 10.63 24.90 -2.30
CA LEU C 79 9.24 24.82 -1.89
C LEU C 79 8.33 25.58 -2.84
N PRO C 80 7.26 24.92 -3.30
CA PRO C 80 6.37 25.45 -4.34
C PRO C 80 5.32 26.39 -3.78
N ALA C 81 5.18 26.41 -2.46
CA ALA C 81 4.15 27.23 -1.82
C ALA C 81 4.54 27.66 -0.41
N SER C 82 3.80 28.62 0.13
CA SER C 82 3.93 29.01 1.52
C SER C 82 2.93 28.23 2.37
N GLY C 83 3.35 27.83 3.57
CA GLY C 83 2.44 27.13 4.46
C GLY C 83 3.16 26.08 5.30
N LYS C 84 2.40 25.12 5.79
CA LYS C 84 2.95 24.16 6.74
C LYS C 84 3.33 22.85 6.05
N TYR C 85 4.61 22.51 6.19
CA TYR C 85 5.16 21.30 5.58
C TYR C 85 5.38 20.23 6.65
N GLU C 86 5.44 18.99 6.20
CA GLU C 86 5.74 17.87 7.09
C GLU C 86 6.84 17.01 6.51
N LEU C 87 7.90 16.83 7.27
CA LEU C 87 8.93 15.89 6.90
CA LEU C 87 8.94 15.88 6.91
C LEU C 87 8.72 14.60 7.70
N LYS C 88 8.49 13.50 7.01
CA LYS C 88 8.28 12.24 7.70
C LYS C 88 9.48 11.31 7.56
N VAL C 89 9.86 10.68 8.68
CA VAL C 89 10.90 9.67 8.69
C VAL C 89 10.27 8.30 8.89
N LEU C 90 10.48 7.41 7.92
CA LEU C 90 9.82 6.12 7.95
C LEU C 90 10.71 5.05 7.36
N GLN C 91 10.45 3.79 7.71
CA GLN C 91 11.18 2.71 7.10
C GLN C 91 10.60 2.41 5.72
N THR C 92 11.43 1.92 4.81
CA THR C 92 10.98 1.44 3.51
C THR C 92 9.88 0.36 3.60
N ARG C 93 9.25 0.07 2.47
CA ARG C 93 8.25 -0.99 2.35
C ARG C 93 8.78 -2.28 2.98
N ASN C 94 9.99 -2.61 2.57
CA ASN C 94 10.54 -3.93 2.85
C ASN C 94 11.02 -4.07 4.28
N GLU C 95 11.58 -3.01 4.82
CA GLU C 95 12.09 -3.05 6.19
C GLU C 95 10.94 -3.07 7.18
N ALA C 96 9.95 -2.21 6.93
CA ALA C 96 8.74 -2.10 7.76
C ALA C 96 8.14 -3.45 8.16
N ARG C 97 8.03 -4.38 7.21
CA ARG C 97 7.43 -5.68 7.52
C ARG C 97 8.34 -6.62 8.33
N LYS C 98 9.62 -6.27 8.48
CA LYS C 98 10.54 -7.06 9.32
C LYS C 98 10.38 -6.70 10.79
N ASN C 99 9.68 -5.60 11.07
CA ASN C 99 9.37 -5.18 12.43
C ASN C 99 10.60 -5.04 13.33
N LYS C 100 11.59 -4.27 12.88
CA LYS C 100 12.80 -4.03 13.66
C LYS C 100 12.92 -2.55 14.00
N ALA C 101 13.42 -2.24 15.19
CA ALA C 101 13.61 -0.85 15.60
C ALA C 101 14.92 -0.30 15.05
N LYS C 102 14.85 0.84 14.39
CA LYS C 102 16.04 1.51 13.87
C LYS C 102 16.14 2.87 14.53
N LYS C 103 17.35 3.27 14.92
CA LYS C 103 17.53 4.65 15.40
C LYS C 103 17.96 5.48 14.22
N TYR C 104 17.72 6.80 14.29
CA TYR C 104 18.17 7.71 13.25
C TYR C 104 18.38 9.10 13.84
N SER C 105 19.19 9.90 13.14
CA SER C 105 19.32 11.32 13.41
CA SER C 105 19.29 11.32 13.40
C SER C 105 19.08 12.06 12.09
N VAL C 106 18.20 13.05 12.13
CA VAL C 106 17.84 13.77 10.91
C VAL C 106 18.20 15.23 11.06
N ASN C 107 18.76 15.81 10.01
CA ASN C 107 19.06 17.24 10.04
C ASN C 107 18.25 17.95 8.97
N ILE C 108 17.41 18.88 9.40
CA ILE C 108 16.55 19.63 8.49
C ILE C 108 17.04 21.05 8.33
N GLN C 109 17.37 21.41 7.09
CA GLN C 109 17.90 22.74 6.81
C GLN C 109 16.95 23.50 5.90
N ILE C 110 16.76 24.78 6.18
CA ILE C 110 15.95 25.60 5.31
C ILE C 110 16.58 26.97 5.09
N LYS C 111 16.59 27.41 3.83
CA LYS C 111 17.13 28.71 3.51
C LYS C 111 16.25 29.41 2.47
#